data_5NR7
#
_entry.id   5NR7
#
_cell.length_a   73.630
_cell.length_b   73.630
_cell.length_c   72.860
_cell.angle_alpha   90.00
_cell.angle_beta   90.00
_cell.angle_gamma   120.00
#
_symmetry.space_group_name_H-M   'P 32'
#
loop_
_entity.id
_entity.type
_entity.pdbx_description
1 polymer 'Thymidylate kinase'
2 non-polymer 1-[1-[[4-(3-chloranylphenoxy)quinolin-2-yl]methyl]piperidin-4-yl]-5-methyl-pyrimidine-2,4-dione
3 non-polymer 'CHLORIDE ION'
4 water water
#
_entity_poly.entity_id   1
_entity_poly.type   'polypeptide(L)'
_entity_poly.pdbx_seq_one_letter_code
;MLIAIEGVDGAGKRTLVEKLSGAFRAAGRSVATLAFPRYGQSVAADIAAEALHGEHGDLASSVYAMATLFALDRAGAVHT
IQGLCRGYDVVILDRYVASNAAYSAARLHENAAGKAAAWVQRIEFARLGLPKPDWQVLLAVSAELAGERSRGRAQRDPGR
ARDNYERDAELQQRTGAVYAELAAQGWGGRWLVVGADVDPGRLAATLAPPDVPS
;
_entity_poly.pdbx_strand_id   A,B
#
# COMPACT_ATOMS: atom_id res chain seq x y z
N MET A 1 -6.18 -24.58 -12.93
CA MET A 1 -7.25 -24.33 -11.98
C MET A 1 -6.70 -23.66 -10.73
N LEU A 2 -7.39 -22.62 -10.26
CA LEU A 2 -6.95 -21.83 -9.11
C LEU A 2 -7.89 -22.09 -7.95
N ILE A 3 -7.35 -22.61 -6.86
CA ILE A 3 -8.11 -22.96 -5.66
C ILE A 3 -7.57 -22.16 -4.48
N ALA A 4 -8.47 -21.55 -3.72
CA ALA A 4 -8.11 -20.82 -2.51
C ALA A 4 -8.61 -21.57 -1.29
N ILE A 5 -7.73 -21.76 -0.30
CA ILE A 5 -8.09 -22.32 0.98
C ILE A 5 -8.24 -21.18 1.97
N GLU A 6 -9.40 -21.10 2.63
CA GLU A 6 -9.73 -19.98 3.49
C GLU A 6 -10.12 -20.49 4.87
N GLY A 7 -10.06 -19.59 5.83
CA GLY A 7 -10.41 -19.90 7.21
C GLY A 7 -9.68 -18.99 8.17
N VAL A 8 -10.12 -19.03 9.42
CA VAL A 8 -9.50 -18.22 10.46
C VAL A 8 -8.18 -18.87 10.89
N ASP A 9 -7.30 -18.06 11.47
CA ASP A 9 -6.05 -18.56 11.98
C ASP A 9 -6.29 -19.70 12.98
N GLY A 10 -5.51 -20.77 12.84
CA GLY A 10 -5.66 -21.95 13.65
C GLY A 10 -6.65 -22.97 13.10
N ALA A 11 -7.37 -22.63 12.04
CA ALA A 11 -8.29 -23.60 11.44
C ALA A 11 -7.55 -24.84 10.95
N GLY A 12 -6.31 -24.68 10.48
CA GLY A 12 -5.56 -25.80 9.94
C GLY A 12 -5.45 -25.78 8.43
N LYS A 13 -5.41 -24.58 7.85
CA LYS A 13 -5.32 -24.47 6.40
C LYS A 13 -4.10 -25.19 5.84
N ARG A 14 -2.94 -25.01 6.48
CA ARG A 14 -1.71 -25.60 5.94
C ARG A 14 -1.83 -27.11 5.78
N THR A 15 -2.34 -27.80 6.80
CA THR A 15 -2.48 -29.25 6.70
C THR A 15 -3.44 -29.63 5.58
N LEU A 16 -4.52 -28.86 5.42
CA LEU A 16 -5.47 -29.15 4.35
C LEU A 16 -4.82 -28.95 2.98
N VAL A 17 -3.98 -27.92 2.84
CA VAL A 17 -3.26 -27.71 1.59
C VAL A 17 -2.41 -28.93 1.26
N GLU A 18 -1.66 -29.42 2.24
CA GLU A 18 -0.82 -30.60 2.02
C GLU A 18 -1.67 -31.83 1.72
N LYS A 19 -2.79 -32.00 2.44
CA LYS A 19 -3.67 -33.13 2.17
C LYS A 19 -4.20 -33.09 0.75
N LEU A 20 -4.65 -31.91 0.31
CA LEU A 20 -5.26 -31.80 -1.02
C LEU A 20 -4.20 -31.92 -2.12
N SER A 21 -3.02 -31.36 -1.89
CA SER A 21 -1.94 -31.51 -2.85
C SER A 21 -1.61 -32.97 -3.10
N GLY A 22 -1.39 -33.73 -2.02
CA GLY A 22 -1.11 -35.15 -2.19
C GLY A 22 -2.24 -35.89 -2.89
N ALA A 23 -3.48 -35.55 -2.57
CA ALA A 23 -4.62 -36.17 -3.24
C ALA A 23 -4.62 -35.84 -4.73
N PHE A 24 -4.37 -34.58 -5.07
CA PHE A 24 -4.30 -34.19 -6.48
C PHE A 24 -3.18 -34.93 -7.20
N ARG A 25 -1.96 -34.89 -6.63
CA ARG A 25 -0.84 -35.59 -7.25
C ARG A 25 -1.12 -37.09 -7.39
N ALA A 26 -1.76 -37.69 -6.39
CA ALA A 26 -2.09 -39.11 -6.48
C ALA A 26 -2.98 -39.40 -7.68
N ALA A 27 -3.77 -38.42 -8.10
CA ALA A 27 -4.65 -38.56 -9.26
C ALA A 27 -3.99 -38.17 -10.57
N GLY A 28 -2.71 -37.83 -10.55
CA GLY A 28 -2.00 -37.49 -11.77
C GLY A 28 -1.97 -36.01 -12.10
N ARG A 29 -2.25 -35.15 -11.12
CA ARG A 29 -2.32 -33.71 -11.35
C ARG A 29 -1.13 -33.03 -10.68
N SER A 30 -0.44 -32.18 -11.42
CA SER A 30 0.64 -31.39 -10.84
C SER A 30 0.04 -30.28 -9.99
N VAL A 31 0.76 -29.90 -8.93
CA VAL A 31 0.26 -28.94 -7.97
C VAL A 31 1.37 -27.99 -7.57
N ALA A 32 1.02 -26.69 -7.50
CA ALA A 32 1.87 -25.68 -6.91
C ALA A 32 1.05 -24.91 -5.88
N THR A 33 1.73 -24.41 -4.86
CA THR A 33 1.05 -23.72 -3.77
C THR A 33 1.73 -22.39 -3.48
N LEU A 34 0.94 -21.45 -2.95
CA LEU A 34 1.42 -20.11 -2.62
C LEU A 34 0.59 -19.60 -1.46
N ALA A 35 1.25 -19.02 -0.45
CA ALA A 35 0.60 -18.62 0.79
C ALA A 35 0.62 -17.10 0.92
N PHE A 36 -0.52 -16.53 1.31
CA PHE A 36 -0.64 -15.11 1.60
C PHE A 36 -0.99 -14.88 3.07
N PRO A 37 -0.55 -13.74 3.63
CA PRO A 37 0.29 -12.75 2.94
C PRO A 37 1.72 -13.24 2.75
N ARG A 38 2.43 -12.67 1.77
CA ARG A 38 3.81 -13.07 1.48
C ARG A 38 4.79 -12.36 2.43
N TYR A 39 4.65 -12.67 3.72
CA TYR A 39 5.55 -12.13 4.73
C TYR A 39 7.00 -12.46 4.40
N GLY A 40 7.85 -11.44 4.41
CA GLY A 40 9.25 -11.61 4.06
C GLY A 40 9.54 -11.48 2.60
N GLN A 41 8.51 -11.28 1.77
CA GLN A 41 8.67 -11.15 0.34
C GLN A 41 7.99 -9.92 -0.23
N SER A 42 6.99 -9.36 0.45
CA SER A 42 6.28 -8.18 0.00
C SER A 42 6.42 -7.09 1.05
N VAL A 43 6.87 -5.90 0.62
CA VAL A 43 6.96 -4.77 1.55
C VAL A 43 5.58 -4.44 2.10
N ALA A 44 4.55 -4.51 1.27
CA ALA A 44 3.20 -4.22 1.73
C ALA A 44 2.76 -5.21 2.81
N ALA A 45 3.10 -6.50 2.63
CA ALA A 45 2.76 -7.50 3.63
C ALA A 45 3.55 -7.29 4.91
N ASP A 46 4.85 -6.98 4.80
CA ASP A 46 5.67 -6.79 5.98
C ASP A 46 5.24 -5.55 6.76
N ILE A 47 4.89 -4.46 6.06
CA ILE A 47 4.39 -3.28 6.74
C ILE A 47 3.10 -3.61 7.48
N ALA A 48 2.27 -4.46 6.91
CA ALA A 48 1.03 -4.87 7.58
C ALA A 48 1.35 -5.66 8.84
N ALA A 49 2.21 -6.68 8.73
CA ALA A 49 2.59 -7.46 9.91
C ALA A 49 3.12 -6.55 11.01
N GLU A 50 4.04 -5.65 10.67
CA GLU A 50 4.59 -4.74 11.66
C GLU A 50 3.51 -3.85 12.26
N ALA A 51 2.54 -3.41 11.44
CA ALA A 51 1.45 -2.61 11.95
C ALA A 51 0.63 -3.37 12.98
N LEU A 52 0.45 -4.68 12.77
CA LEU A 52 -0.32 -5.48 13.71
C LEU A 52 0.36 -5.60 15.06
N HIS A 53 1.69 -5.46 15.10
CA HIS A 53 2.44 -5.51 16.34
C HIS A 53 2.64 -4.14 16.97
N GLY A 54 1.86 -3.13 16.55
CA GLY A 54 1.86 -1.84 17.19
C GLY A 54 2.81 -0.81 16.59
N GLU A 55 3.57 -1.17 15.57
CA GLU A 55 4.47 -0.21 14.94
C GLU A 55 3.75 0.55 13.82
N HIS A 56 4.41 1.60 13.34
CA HIS A 56 3.89 2.44 12.28
C HIS A 56 2.69 3.26 12.76
N GLY A 57 2.80 3.81 13.97
CA GLY A 57 1.81 4.74 14.48
C GLY A 57 0.40 4.16 14.49
N ASP A 58 -0.54 4.94 13.95
CA ASP A 58 -1.95 4.59 13.94
C ASP A 58 -2.34 3.78 12.71
N LEU A 59 -1.37 3.24 11.97
CA LEU A 59 -1.66 2.57 10.71
C LEU A 59 -2.69 1.45 10.89
N ALA A 60 -2.53 0.65 11.95
CA ALA A 60 -3.41 -0.50 12.15
C ALA A 60 -4.82 -0.12 12.53
N SER A 61 -5.05 1.12 12.99
CA SER A 61 -6.40 1.51 13.41
C SER A 61 -7.34 1.66 12.23
N SER A 62 -6.82 1.77 11.01
CA SER A 62 -7.66 1.86 9.81
C SER A 62 -7.84 0.46 9.23
N VAL A 63 -9.10 0.02 9.15
CA VAL A 63 -9.38 -1.29 8.58
C VAL A 63 -9.06 -1.30 7.09
N TYR A 64 -9.39 -0.23 6.37
CA TYR A 64 -9.16 -0.19 4.94
C TYR A 64 -7.68 0.00 4.60
N ALA A 65 -6.93 0.68 5.46
CA ALA A 65 -5.49 0.79 5.22
C ALA A 65 -4.82 -0.57 5.29
N MET A 66 -5.20 -1.39 6.28
CA MET A 66 -4.64 -2.74 6.37
C MET A 66 -5.07 -3.59 5.19
N ALA A 67 -6.36 -3.53 4.82
CA ALA A 67 -6.82 -4.31 3.67
C ALA A 67 -6.09 -3.90 2.40
N THR A 68 -5.75 -2.61 2.26
CA THR A 68 -5.05 -2.16 1.06
C THR A 68 -3.65 -2.74 0.97
N LEU A 69 -2.96 -2.86 2.10
CA LEU A 69 -1.62 -3.43 2.10
C LEU A 69 -1.66 -4.89 1.68
N PHE A 70 -2.65 -5.65 2.17
CA PHE A 70 -2.77 -7.04 1.76
C PHE A 70 -3.17 -7.16 0.29
N ALA A 71 -4.02 -6.24 -0.20
CA ALA A 71 -4.36 -6.23 -1.60
C ALA A 71 -3.16 -5.91 -2.47
N LEU A 72 -2.34 -4.95 -2.05
CA LEU A 72 -1.14 -4.60 -2.80
C LEU A 72 -0.14 -5.75 -2.78
N ASP A 73 -0.10 -6.52 -1.69
CA ASP A 73 0.75 -7.70 -1.63
C ASP A 73 0.38 -8.70 -2.72
N ARG A 74 -0.91 -9.00 -2.85
CA ARG A 74 -1.35 -9.93 -3.89
C ARG A 74 -1.16 -9.35 -5.28
N ALA A 75 -1.40 -8.05 -5.45
CA ALA A 75 -1.26 -7.43 -6.77
C ALA A 75 0.15 -7.60 -7.33
N GLY A 76 1.16 -7.64 -6.45
CA GLY A 76 2.51 -7.89 -6.88
C GLY A 76 2.83 -9.33 -7.22
N ALA A 77 1.96 -10.26 -6.84
CA ALA A 77 2.14 -11.68 -7.12
C ALA A 77 1.35 -12.15 -8.33
N VAL A 78 0.65 -11.25 -9.03
CA VAL A 78 -0.27 -11.66 -10.08
C VAL A 78 0.47 -12.39 -11.19
N HIS A 79 1.67 -11.92 -11.55
CA HIS A 79 2.46 -12.61 -12.56
C HIS A 79 2.88 -13.99 -12.08
N THR A 80 3.27 -14.10 -10.80
CA THR A 80 3.60 -15.40 -10.24
C THR A 80 2.42 -16.35 -10.30
N ILE A 81 1.23 -15.89 -9.89
CA ILE A 81 0.05 -16.75 -9.88
C ILE A 81 -0.27 -17.25 -11.28
N GLN A 82 -0.24 -16.34 -12.26
CA GLN A 82 -0.54 -16.73 -13.63
C GLN A 82 0.48 -17.73 -14.17
N GLY A 83 1.76 -17.52 -13.85
CA GLY A 83 2.77 -18.46 -14.29
C GLY A 83 2.53 -19.86 -13.75
N LEU A 84 2.21 -19.95 -12.46
CA LEU A 84 1.92 -21.25 -11.86
C LEU A 84 0.72 -21.91 -12.53
N CYS A 85 -0.33 -21.11 -12.80
CA CYS A 85 -1.53 -21.66 -13.43
C CYS A 85 -1.22 -22.18 -14.84
N ARG A 86 -0.20 -21.64 -15.49
CA ARG A 86 0.19 -22.08 -16.82
C ARG A 86 1.09 -23.31 -16.79
N GLY A 87 1.71 -23.61 -15.65
CA GLY A 87 2.65 -24.70 -15.57
C GLY A 87 2.17 -25.88 -14.74
N TYR A 88 1.14 -25.65 -13.91
CA TYR A 88 0.62 -26.68 -13.04
C TYR A 88 -0.87 -26.89 -13.29
N ASP A 89 -1.31 -28.14 -13.09
CA ASP A 89 -2.73 -28.46 -13.26
C ASP A 89 -3.58 -27.75 -12.21
N VAL A 90 -3.07 -27.65 -10.99
CA VAL A 90 -3.79 -27.03 -9.89
C VAL A 90 -2.85 -26.10 -9.14
N VAL A 91 -3.35 -24.92 -8.78
CA VAL A 91 -2.63 -23.97 -7.95
C VAL A 91 -3.49 -23.73 -6.70
N ILE A 92 -2.93 -24.04 -5.53
CA ILE A 92 -3.62 -23.91 -4.26
C ILE A 92 -3.00 -22.75 -3.50
N LEU A 93 -3.83 -21.75 -3.17
CA LEU A 93 -3.40 -20.61 -2.38
C LEU A 93 -3.88 -20.75 -0.94
N ASP A 94 -2.94 -20.66 0.00
CA ASP A 94 -3.29 -20.64 1.43
C ASP A 94 -3.63 -19.20 1.78
N ARG A 95 -4.93 -18.89 1.80
CA ARG A 95 -5.43 -17.53 1.93
C ARG A 95 -5.36 -16.80 0.59
N TYR A 96 -6.42 -16.04 0.29
CA TYR A 96 -6.48 -15.24 -0.93
C TYR A 96 -7.40 -14.04 -0.69
N VAL A 97 -8.09 -13.56 -1.73
CA VAL A 97 -8.82 -12.30 -1.62
C VAL A 97 -9.89 -12.38 -0.54
N ALA A 98 -10.54 -13.56 -0.42
CA ALA A 98 -11.64 -13.68 0.53
C ALA A 98 -11.18 -13.43 1.96
N SER A 99 -9.91 -13.72 2.26
CA SER A 99 -9.38 -13.38 3.58
C SER A 99 -9.56 -11.90 3.88
N ASN A 100 -9.31 -11.03 2.89
CA ASN A 100 -9.48 -9.60 3.10
C ASN A 100 -10.94 -9.26 3.36
N ALA A 101 -11.86 -9.89 2.63
CA ALA A 101 -13.28 -9.65 2.86
C ALA A 101 -13.70 -10.10 4.24
N ALA A 102 -13.21 -11.24 4.69
CA ALA A 102 -13.65 -11.80 5.96
C ALA A 102 -13.14 -10.96 7.13
N TYR A 103 -11.83 -10.69 7.18
CA TYR A 103 -11.28 -9.95 8.31
C TYR A 103 -11.69 -8.49 8.27
N SER A 104 -11.78 -7.89 7.08
CA SER A 104 -12.16 -6.49 6.99
C SER A 104 -13.60 -6.30 7.45
N ALA A 105 -14.51 -7.14 6.96
CA ALA A 105 -15.90 -7.10 7.43
C ALA A 105 -15.97 -7.35 8.92
N ALA A 106 -15.27 -8.40 9.39
CA ALA A 106 -15.30 -8.73 10.81
C ALA A 106 -14.77 -7.57 11.67
N ARG A 107 -13.68 -6.93 11.23
CA ARG A 107 -13.15 -5.81 11.98
C ARG A 107 -14.16 -4.68 12.10
N LEU A 108 -14.98 -4.48 11.06
CA LEU A 108 -15.97 -3.42 11.04
C LEU A 108 -17.36 -3.90 11.45
N HIS A 109 -17.46 -5.07 12.09
CA HIS A 109 -18.73 -5.59 12.57
C HIS A 109 -19.79 -5.61 11.47
N GLU A 110 -19.35 -5.96 10.26
CA GLU A 110 -20.24 -6.10 9.10
C GLU A 110 -20.41 -7.58 8.76
N ASN A 111 -21.30 -7.84 7.81
CA ASN A 111 -21.49 -9.18 7.27
C ASN A 111 -21.06 -9.22 5.81
N ALA A 112 -21.12 -10.41 5.22
CA ALA A 112 -20.63 -10.59 3.85
C ALA A 112 -21.35 -9.69 2.86
N ALA A 113 -22.56 -9.25 3.16
CA ALA A 113 -23.31 -8.36 2.29
C ALA A 113 -23.02 -6.88 2.58
N GLY A 114 -22.06 -6.60 3.46
CA GLY A 114 -21.76 -5.24 3.85
C GLY A 114 -20.85 -4.52 2.87
N LYS A 115 -20.49 -3.29 3.26
CA LYS A 115 -19.69 -2.45 2.37
C LYS A 115 -18.27 -2.98 2.23
N ALA A 116 -17.61 -3.28 3.36
CA ALA A 116 -16.22 -3.71 3.31
C ALA A 116 -16.03 -4.91 2.38
N ALA A 117 -16.90 -5.92 2.50
CA ALA A 117 -16.79 -7.08 1.64
C ALA A 117 -16.93 -6.68 0.17
N ALA A 118 -17.90 -5.83 -0.14
CA ALA A 118 -18.08 -5.38 -1.52
C ALA A 118 -16.91 -4.51 -1.98
N TRP A 119 -16.31 -3.74 -1.07
CA TRP A 119 -15.16 -2.92 -1.44
C TRP A 119 -13.96 -3.78 -1.81
N VAL A 120 -13.74 -4.87 -1.08
CA VAL A 120 -12.63 -5.77 -1.38
C VAL A 120 -12.80 -6.38 -2.76
N GLN A 121 -14.00 -6.88 -3.06
CA GLN A 121 -14.26 -7.47 -4.37
C GLN A 121 -13.98 -6.46 -5.48
N ARG A 122 -14.42 -5.21 -5.30
CA ARG A 122 -14.24 -4.21 -6.34
C ARG A 122 -12.76 -3.94 -6.60
N ILE A 123 -12.00 -3.72 -5.52
CA ILE A 123 -10.64 -3.22 -5.66
C ILE A 123 -9.65 -4.31 -6.06
N GLU A 124 -9.85 -5.55 -5.61
CA GLU A 124 -8.89 -6.60 -5.91
C GLU A 124 -9.19 -7.30 -7.23
N PHE A 125 -10.46 -7.62 -7.48
CA PHE A 125 -10.86 -8.33 -8.69
C PHE A 125 -11.09 -7.39 -9.86
N ALA A 126 -11.84 -6.30 -9.63
CA ALA A 126 -12.17 -5.38 -10.71
C ALA A 126 -11.00 -4.47 -11.07
N ARG A 127 -10.50 -3.70 -10.09
CA ARG A 127 -9.48 -2.69 -10.39
C ARG A 127 -8.11 -3.33 -10.59
N LEU A 128 -7.63 -4.06 -9.58
CA LEU A 128 -6.28 -4.63 -9.63
C LEU A 128 -6.18 -5.86 -10.53
N GLY A 129 -7.30 -6.43 -10.96
CA GLY A 129 -7.26 -7.49 -11.95
C GLY A 129 -6.80 -8.84 -11.46
N LEU A 130 -6.87 -9.09 -10.15
CA LEU A 130 -6.44 -10.37 -9.62
C LEU A 130 -7.32 -11.49 -10.17
N PRO A 131 -6.75 -12.63 -10.58
CA PRO A 131 -7.57 -13.70 -11.12
C PRO A 131 -8.53 -14.23 -10.05
N LYS A 132 -9.77 -14.44 -10.47
CA LYS A 132 -10.77 -15.00 -9.56
C LYS A 132 -10.57 -16.51 -9.40
N PRO A 133 -10.65 -17.03 -8.19
CA PRO A 133 -10.42 -18.47 -7.99
C PRO A 133 -11.57 -19.28 -8.54
N ASP A 134 -11.24 -20.42 -9.14
CA ASP A 134 -12.28 -21.35 -9.57
C ASP A 134 -13.00 -21.95 -8.36
N TRP A 135 -12.27 -22.16 -7.27
CA TRP A 135 -12.83 -22.67 -6.02
C TRP A 135 -12.28 -21.87 -4.85
N GLN A 136 -13.15 -21.66 -3.85
CA GLN A 136 -12.75 -21.18 -2.54
C GLN A 136 -13.25 -22.16 -1.50
N VAL A 137 -12.32 -22.81 -0.80
CA VAL A 137 -12.63 -23.85 0.16
C VAL A 137 -12.50 -23.27 1.56
N LEU A 138 -13.63 -23.18 2.26
CA LEU A 138 -13.65 -22.72 3.65
C LEU A 138 -13.46 -23.91 4.58
N LEU A 139 -12.32 -23.95 5.26
CA LEU A 139 -12.10 -24.89 6.36
C LEU A 139 -12.78 -24.32 7.59
N ALA A 140 -14.00 -24.77 7.86
CA ALA A 140 -14.85 -24.14 8.86
C ALA A 140 -14.51 -24.66 10.26
N VAL A 141 -14.53 -23.76 11.24
CA VAL A 141 -14.36 -24.08 12.65
C VAL A 141 -15.45 -23.39 13.45
N SER A 142 -15.61 -23.85 14.69
CA SER A 142 -16.66 -23.35 15.56
C SER A 142 -16.24 -22.05 16.22
N ALA A 143 -17.19 -21.41 16.90
CA ALA A 143 -16.91 -20.16 17.59
C ALA A 143 -15.80 -20.36 18.63
N GLU A 144 -15.83 -21.46 19.36
CA GLU A 144 -14.76 -21.79 20.29
C GLU A 144 -13.44 -22.00 19.58
N LEU A 145 -13.44 -22.08 18.24
CA LEU A 145 -12.21 -22.16 17.47
C LEU A 145 -11.42 -23.43 17.81
N ARG A 167 -4.48 -13.88 19.89
CA ARG A 167 -4.64 -12.50 20.35
C ARG A 167 -6.11 -12.16 20.58
N ASP A 168 -6.74 -11.52 19.60
CA ASP A 168 -8.12 -11.06 19.73
C ASP A 168 -9.06 -12.21 19.41
N ALA A 169 -9.71 -12.75 20.45
CA ALA A 169 -10.57 -13.92 20.27
C ALA A 169 -11.88 -13.56 19.55
N GLU A 170 -12.46 -12.40 19.89
CA GLU A 170 -13.74 -12.03 19.30
C GLU A 170 -13.61 -11.71 17.82
N LEU A 171 -12.48 -11.13 17.41
CA LEU A 171 -12.27 -10.87 15.99
C LEU A 171 -12.27 -12.15 15.18
N GLN A 172 -11.61 -13.20 15.69
CA GLN A 172 -11.56 -14.46 14.96
C GLN A 172 -12.93 -15.09 14.84
N GLN A 173 -13.73 -15.00 15.90
CA GLN A 173 -15.09 -15.55 15.85
C GLN A 173 -15.92 -14.82 14.80
N ARG A 174 -15.89 -13.48 14.82
CA ARG A 174 -16.64 -12.73 13.83
C ARG A 174 -16.13 -13.01 12.42
N THR A 175 -14.81 -13.09 12.26
CA THR A 175 -14.25 -13.45 10.96
C THR A 175 -14.76 -14.81 10.50
N GLY A 176 -14.90 -15.75 11.44
CA GLY A 176 -15.44 -17.05 11.09
C GLY A 176 -16.87 -16.97 10.57
N ALA A 177 -17.68 -16.12 11.19
CA ALA A 177 -19.07 -15.98 10.77
C ALA A 177 -19.17 -15.35 9.38
N VAL A 178 -18.38 -14.30 9.13
CA VAL A 178 -18.36 -13.68 7.80
C VAL A 178 -17.94 -14.69 6.76
N TYR A 179 -16.92 -15.50 7.06
CA TYR A 179 -16.49 -16.55 6.15
C TYR A 179 -17.65 -17.42 5.70
N ALA A 180 -18.45 -17.92 6.65
CA ALA A 180 -19.58 -18.76 6.30
C ALA A 180 -20.59 -18.01 5.44
N GLU A 181 -20.82 -16.73 5.75
CA GLU A 181 -21.72 -15.93 4.92
C GLU A 181 -21.17 -15.74 3.51
N LEU A 182 -19.86 -15.43 3.40
CA LEU A 182 -19.25 -15.33 2.09
C LEU A 182 -19.46 -16.60 1.28
N ALA A 183 -19.26 -17.76 1.92
CA ALA A 183 -19.46 -19.03 1.22
C ALA A 183 -20.91 -19.23 0.84
N ALA A 184 -21.84 -18.89 1.74
CA ALA A 184 -23.26 -19.08 1.45
C ALA A 184 -23.72 -18.20 0.29
N GLN A 185 -23.13 -17.02 0.16
CA GLN A 185 -23.50 -16.07 -0.89
C GLN A 185 -22.75 -16.28 -2.19
N GLY A 186 -21.81 -17.24 -2.22
CA GLY A 186 -20.99 -17.42 -3.41
C GLY A 186 -20.10 -16.24 -3.73
N TRP A 187 -19.58 -15.57 -2.70
CA TRP A 187 -18.73 -14.40 -2.89
C TRP A 187 -17.52 -14.73 -3.75
N GLY A 188 -17.45 -14.15 -4.95
CA GLY A 188 -16.30 -14.29 -5.81
C GLY A 188 -16.19 -15.60 -6.56
N GLY A 189 -17.19 -16.47 -6.47
CA GLY A 189 -17.13 -17.74 -7.17
C GLY A 189 -17.66 -18.86 -6.30
N ARG A 190 -17.50 -20.09 -6.80
CA ARG A 190 -17.98 -21.26 -6.08
C ARG A 190 -17.20 -21.43 -4.77
N TRP A 191 -17.91 -21.91 -3.75
CA TRP A 191 -17.32 -22.22 -2.46
C TRP A 191 -17.57 -23.69 -2.11
N LEU A 192 -16.68 -24.24 -1.29
CA LEU A 192 -16.90 -25.51 -0.61
C LEU A 192 -16.64 -25.27 0.88
N VAL A 193 -17.55 -25.76 1.72
CA VAL A 193 -17.41 -25.69 3.17
C VAL A 193 -17.05 -27.09 3.67
N VAL A 194 -15.86 -27.23 4.25
CA VAL A 194 -15.34 -28.51 4.70
C VAL A 194 -14.91 -28.41 6.15
N GLY A 195 -14.83 -29.58 6.79
CA GLY A 195 -14.28 -29.69 8.12
C GLY A 195 -12.82 -30.13 8.08
N ALA A 196 -12.22 -30.20 9.28
CA ALA A 196 -10.78 -30.42 9.37
C ALA A 196 -10.39 -31.77 8.78
N ASP A 197 -11.09 -32.83 9.17
CA ASP A 197 -10.75 -34.20 8.76
C ASP A 197 -11.44 -34.60 7.47
N VAL A 198 -11.32 -33.74 6.46
CA VAL A 198 -11.96 -33.97 5.16
C VAL A 198 -11.34 -35.17 4.48
N ASP A 199 -12.15 -35.84 3.64
CA ASP A 199 -11.70 -36.95 2.82
C ASP A 199 -10.90 -36.38 1.65
N PRO A 200 -9.57 -36.53 1.66
CA PRO A 200 -8.76 -35.83 0.64
C PRO A 200 -9.02 -36.32 -0.77
N GLY A 201 -9.16 -37.63 -0.97
CA GLY A 201 -9.42 -38.13 -2.32
C GLY A 201 -10.76 -37.68 -2.86
N ARG A 202 -11.79 -37.69 -2.01
CA ARG A 202 -13.11 -37.23 -2.44
C ARG A 202 -13.13 -35.73 -2.69
N LEU A 203 -12.37 -34.95 -1.92
CA LEU A 203 -12.32 -33.51 -2.12
C LEU A 203 -11.62 -33.15 -3.42
N ALA A 204 -10.47 -33.76 -3.68
CA ALA A 204 -9.76 -33.50 -4.93
C ALA A 204 -10.61 -33.89 -6.13
N ALA A 205 -11.39 -34.98 -6.00
CA ALA A 205 -12.28 -35.38 -7.09
C ALA A 205 -13.41 -34.37 -7.28
N THR A 206 -13.88 -33.77 -6.18
CA THR A 206 -14.92 -32.76 -6.30
C THR A 206 -14.39 -31.49 -6.95
N LEU A 207 -13.18 -31.07 -6.57
CA LEU A 207 -12.64 -29.82 -7.10
C LEU A 207 -12.24 -29.96 -8.56
N ALA A 208 -11.50 -31.03 -8.89
CA ALA A 208 -11.03 -31.29 -10.25
C ALA A 208 -11.69 -32.55 -10.81
N PRO A 209 -12.88 -32.45 -11.42
CA PRO A 209 -13.49 -33.62 -12.05
C PRO A 209 -12.76 -34.04 -13.32
N MET B 1 21.85 15.70 -10.45
CA MET B 1 21.44 16.37 -9.22
C MET B 1 19.93 16.27 -9.00
N LEU B 2 19.53 15.96 -7.77
CA LEU B 2 18.14 15.73 -7.42
C LEU B 2 17.65 16.89 -6.56
N ILE B 3 16.63 17.60 -7.04
CA ILE B 3 16.06 18.75 -6.34
C ILE B 3 14.60 18.48 -6.06
N ALA B 4 14.18 18.71 -4.82
CA ALA B 4 12.78 18.59 -4.42
C ALA B 4 12.24 19.97 -4.09
N ILE B 5 11.07 20.30 -4.65
CA ILE B 5 10.36 21.53 -4.32
C ILE B 5 9.26 21.21 -3.32
N GLU B 6 9.22 21.93 -2.21
CA GLU B 6 8.28 21.66 -1.13
C GLU B 6 7.50 22.91 -0.80
N GLY B 7 6.37 22.71 -0.14
CA GLY B 7 5.50 23.80 0.25
C GLY B 7 4.07 23.34 0.36
N VAL B 8 3.25 24.19 0.97
CA VAL B 8 1.83 23.89 1.15
C VAL B 8 1.08 24.10 -0.16
N ASP B 9 -0.09 23.47 -0.25
CA ASP B 9 -0.94 23.62 -1.42
C ASP B 9 -1.22 25.10 -1.68
N GLY B 10 -1.12 25.49 -2.94
CA GLY B 10 -1.29 26.87 -3.33
C GLY B 10 -0.05 27.73 -3.23
N ALA B 11 1.04 27.19 -2.67
CA ALA B 11 2.27 27.95 -2.60
C ALA B 11 2.76 28.37 -3.98
N GLY B 12 2.53 27.55 -4.98
CA GLY B 12 3.00 27.83 -6.32
C GLY B 12 4.18 26.95 -6.71
N LYS B 13 4.21 25.73 -6.16
CA LYS B 13 5.28 24.80 -6.47
C LYS B 13 5.36 24.55 -7.98
N ARG B 14 4.20 24.29 -8.59
CA ARG B 14 4.17 23.99 -10.02
C ARG B 14 4.80 25.12 -10.83
N THR B 15 4.45 26.36 -10.50
CA THR B 15 5.02 27.50 -11.22
C THR B 15 6.53 27.60 -11.02
N LEU B 16 7.00 27.36 -9.79
CA LEU B 16 8.43 27.43 -9.54
C LEU B 16 9.18 26.32 -10.27
N VAL B 17 8.61 25.11 -10.32
CA VAL B 17 9.24 24.04 -11.07
C VAL B 17 9.43 24.43 -12.53
N GLU B 18 8.38 25.00 -13.13
CA GLU B 18 8.47 25.40 -14.54
C GLU B 18 9.48 26.53 -14.72
N LYS B 19 9.44 27.53 -13.85
CA LYS B 19 10.41 28.62 -13.94
C LYS B 19 11.83 28.12 -13.74
N LEU B 20 12.03 27.24 -12.76
CA LEU B 20 13.37 26.77 -12.45
C LEU B 20 13.89 25.85 -13.55
N SER B 21 13.02 25.02 -14.13
CA SER B 21 13.43 24.17 -15.25
C SER B 21 13.97 25.02 -16.40
N GLY B 22 13.22 26.03 -16.82
CA GLY B 22 13.69 26.90 -17.89
C GLY B 22 15.02 27.56 -17.57
N ALA B 23 15.19 27.99 -16.32
CA ALA B 23 16.47 28.59 -15.93
C ALA B 23 17.60 27.59 -16.08
N PHE B 24 17.39 26.35 -15.63
CA PHE B 24 18.40 25.32 -15.81
C PHE B 24 18.64 25.04 -17.29
N ARG B 25 17.58 24.80 -18.05
CA ARG B 25 17.73 24.60 -19.49
C ARG B 25 18.41 25.80 -20.14
N ALA B 26 18.06 27.01 -19.70
CA ALA B 26 18.70 28.20 -20.23
C ALA B 26 20.20 28.21 -19.93
N ALA B 27 20.60 27.52 -18.86
CA ALA B 27 22.01 27.44 -18.47
C ALA B 27 22.74 26.27 -19.12
N GLY B 28 22.06 25.50 -19.97
CA GLY B 28 22.69 24.42 -20.71
C GLY B 28 22.65 23.05 -20.07
N ARG B 29 21.85 22.85 -19.03
CA ARG B 29 21.74 21.56 -18.37
C ARG B 29 20.36 20.96 -18.62
N SER B 30 20.32 19.68 -18.95
CA SER B 30 19.06 18.99 -19.19
C SER B 30 18.29 18.79 -17.90
N VAL B 31 16.96 18.79 -18.01
CA VAL B 31 16.08 18.78 -16.85
C VAL B 31 14.92 17.83 -17.11
N ALA B 32 14.58 17.03 -16.10
CA ALA B 32 13.36 16.25 -16.07
C ALA B 32 12.66 16.53 -14.74
N THR B 33 11.33 16.42 -14.76
CA THR B 33 10.54 16.72 -13.58
C THR B 33 9.57 15.59 -13.30
N LEU B 34 9.21 15.45 -12.03
CA LEU B 34 8.31 14.39 -11.57
C LEU B 34 7.56 14.91 -10.37
N ALA B 35 6.25 14.71 -10.36
CA ALA B 35 5.37 15.26 -9.33
C ALA B 35 4.79 14.13 -8.49
N PHE B 36 4.80 14.32 -7.17
CA PHE B 36 4.16 13.39 -6.25
C PHE B 36 3.02 14.10 -5.54
N PRO B 37 1.96 13.37 -5.19
CA PRO B 37 1.81 11.95 -5.51
C PRO B 37 1.54 11.72 -7.00
N ARG B 38 1.84 10.52 -7.49
CA ARG B 38 1.65 10.19 -8.89
C ARG B 38 0.19 9.77 -9.16
N TYR B 39 -0.71 10.73 -8.95
CA TYR B 39 -2.12 10.51 -9.21
C TYR B 39 -2.33 10.09 -10.66
N GLY B 40 -3.06 9.00 -10.86
CA GLY B 40 -3.31 8.47 -12.19
C GLY B 40 -2.27 7.51 -12.71
N GLN B 41 -1.19 7.29 -11.96
CA GLN B 41 -0.14 6.36 -12.35
C GLN B 41 0.21 5.36 -11.27
N SER B 42 -0.11 5.63 -10.01
CA SER B 42 0.17 4.74 -8.90
C SER B 42 -1.14 4.35 -8.22
N VAL B 43 -1.35 3.05 -8.03
CA VAL B 43 -2.52 2.60 -7.30
C VAL B 43 -2.52 3.18 -5.89
N ALA B 44 -1.34 3.26 -5.27
CA ALA B 44 -1.26 3.82 -3.92
C ALA B 44 -1.65 5.29 -3.91
N ALA B 45 -1.22 6.05 -4.93
CA ALA B 45 -1.56 7.47 -4.99
C ALA B 45 -3.05 7.67 -5.24
N ASP B 46 -3.63 6.89 -6.17
CA ASP B 46 -5.05 7.06 -6.47
C ASP B 46 -5.91 6.69 -5.29
N ILE B 47 -5.56 5.61 -4.58
CA ILE B 47 -6.31 5.23 -3.38
C ILE B 47 -6.22 6.32 -2.33
N ALA B 48 -5.06 6.97 -2.21
CA ALA B 48 -4.93 8.07 -1.25
C ALA B 48 -5.81 9.25 -1.64
N ALA B 49 -5.71 9.71 -2.89
CA ALA B 49 -6.56 10.80 -3.35
C ALA B 49 -8.04 10.47 -3.12
N GLU B 50 -8.45 9.28 -3.53
CA GLU B 50 -9.84 8.87 -3.31
C GLU B 50 -10.19 8.86 -1.83
N ALA B 51 -9.25 8.44 -0.99
CA ALA B 51 -9.49 8.45 0.46
C ALA B 51 -9.69 9.87 0.96
N LEU B 52 -8.92 10.83 0.43
CA LEU B 52 -9.07 12.21 0.86
C LEU B 52 -10.43 12.79 0.48
N HIS B 53 -11.07 12.25 -0.56
CA HIS B 53 -12.40 12.68 -0.97
C HIS B 53 -13.51 11.89 -0.28
N GLY B 54 -13.19 11.18 0.81
CA GLY B 54 -14.19 10.50 1.60
C GLY B 54 -14.44 9.04 1.25
N GLU B 55 -13.77 8.51 0.24
CA GLU B 55 -13.93 7.11 -0.14
C GLU B 55 -12.94 6.23 0.62
N HIS B 56 -13.15 4.92 0.50
CA HIS B 56 -12.28 3.92 1.14
C HIS B 56 -12.44 3.91 2.66
N GLY B 57 -13.67 4.00 3.13
CA GLY B 57 -13.92 3.81 4.56
C GLY B 57 -13.12 4.75 5.45
N ASP B 58 -12.45 4.17 6.44
CA ASP B 58 -11.73 4.93 7.46
C ASP B 58 -10.28 5.21 7.08
N LEU B 59 -9.89 4.99 5.83
CA LEU B 59 -8.48 5.12 5.46
C LEU B 59 -7.95 6.51 5.77
N ALA B 60 -8.72 7.55 5.43
CA ALA B 60 -8.22 8.92 5.58
C ALA B 60 -8.09 9.33 7.05
N SER B 61 -8.77 8.64 7.96
CA SER B 61 -8.69 9.00 9.37
C SER B 61 -7.36 8.62 9.99
N SER B 62 -6.58 7.75 9.34
CA SER B 62 -5.27 7.35 9.84
C SER B 62 -4.19 8.21 9.21
N VAL B 63 -3.43 8.93 10.05
CA VAL B 63 -2.34 9.74 9.54
C VAL B 63 -1.24 8.86 8.95
N TYR B 64 -0.90 7.76 9.63
CA TYR B 64 0.14 6.88 9.15
C TYR B 64 -0.32 6.04 7.98
N ALA B 65 -1.61 5.70 7.92
CA ALA B 65 -2.13 4.96 6.77
C ALA B 65 -2.02 5.81 5.51
N MET B 66 -2.35 7.10 5.60
CA MET B 66 -2.18 7.99 4.46
C MET B 66 -0.70 8.16 4.11
N ALA B 67 0.14 8.38 5.13
CA ALA B 67 1.57 8.53 4.90
C ALA B 67 2.18 7.29 4.27
N THR B 68 1.70 6.11 4.64
CA THR B 68 2.24 4.88 4.07
C THR B 68 1.92 4.77 2.59
N LEU B 69 0.71 5.18 2.19
CA LEU B 69 0.36 5.14 0.78
C LEU B 69 1.23 6.10 -0.04
N PHE B 70 1.48 7.30 0.50
CA PHE B 70 2.35 8.24 -0.21
C PHE B 70 3.78 7.73 -0.25
N ALA B 71 4.21 7.06 0.82
CA ALA B 71 5.55 6.44 0.82
C ALA B 71 5.61 5.29 -0.19
N LEU B 72 4.56 4.46 -0.24
CA LEU B 72 4.53 3.37 -1.21
C LEU B 72 4.42 3.90 -2.64
N ASP B 73 3.75 5.04 -2.84
CA ASP B 73 3.73 5.67 -4.16
C ASP B 73 5.15 6.02 -4.60
N ARG B 74 5.92 6.67 -3.73
CA ARG B 74 7.29 7.00 -4.06
C ARG B 74 8.15 5.75 -4.19
N ALA B 75 7.92 4.76 -3.32
CA ALA B 75 8.72 3.54 -3.38
C ALA B 75 8.57 2.85 -4.73
N GLY B 76 7.40 2.97 -5.36
CA GLY B 76 7.23 2.45 -6.70
C GLY B 76 7.87 3.27 -7.79
N ALA B 77 8.27 4.49 -7.47
CA ALA B 77 8.95 5.38 -8.40
C ALA B 77 10.46 5.41 -8.20
N VAL B 78 10.99 4.58 -7.29
CA VAL B 78 12.40 4.71 -6.89
C VAL B 78 13.31 4.46 -8.09
N HIS B 79 13.01 3.43 -8.88
CA HIS B 79 13.82 3.16 -10.07
C HIS B 79 13.62 4.24 -11.12
N THR B 80 12.38 4.73 -11.26
CA THR B 80 12.12 5.84 -12.16
C THR B 80 12.97 7.05 -11.79
N ILE B 81 13.02 7.38 -10.49
CA ILE B 81 13.82 8.50 -10.04
C ILE B 81 15.30 8.26 -10.38
N GLN B 82 15.79 7.05 -10.13
CA GLN B 82 17.18 6.74 -10.40
C GLN B 82 17.49 6.84 -11.89
N GLY B 83 16.57 6.36 -12.74
CA GLY B 83 16.79 6.46 -14.18
C GLY B 83 16.92 7.90 -14.64
N LEU B 84 15.99 8.75 -14.20
CA LEU B 84 16.05 10.17 -14.56
C LEU B 84 17.33 10.83 -14.07
N CYS B 85 17.72 10.53 -12.82
CA CYS B 85 18.93 11.14 -12.28
C CYS B 85 20.18 10.70 -13.04
N ARG B 86 20.16 9.52 -13.64
CA ARG B 86 21.28 9.06 -14.44
C ARG B 86 21.24 9.59 -15.88
N GLY B 87 20.11 10.13 -16.32
CA GLY B 87 19.98 10.59 -17.70
C GLY B 87 19.91 12.10 -17.90
N TYR B 88 19.59 12.84 -16.84
CA TYR B 88 19.43 14.29 -16.91
C TYR B 88 20.36 14.99 -15.93
N ASP B 89 20.80 16.19 -16.29
CA ASP B 89 21.66 16.96 -15.40
C ASP B 89 20.94 17.31 -14.10
N VAL B 90 19.65 17.63 -14.18
CA VAL B 90 18.88 18.03 -13.02
C VAL B 90 17.53 17.31 -13.07
N VAL B 91 17.11 16.79 -11.92
CA VAL B 91 15.79 16.19 -11.74
C VAL B 91 15.07 16.97 -10.65
N ILE B 92 13.93 17.56 -11.01
CA ILE B 92 13.15 18.37 -10.08
C ILE B 92 11.88 17.61 -9.74
N LEU B 93 11.68 17.33 -8.46
CA LEU B 93 10.48 16.66 -7.98
C LEU B 93 9.54 17.69 -7.36
N ASP B 94 8.30 17.71 -7.84
CA ASP B 94 7.24 18.54 -7.25
C ASP B 94 6.66 17.75 -6.08
N ARG B 95 7.13 18.05 -4.87
CA ARG B 95 6.81 17.27 -3.68
C ARG B 95 7.67 16.02 -3.59
N TYR B 96 8.15 15.70 -2.39
CA TYR B 96 8.94 14.50 -2.18
C TYR B 96 8.74 14.04 -0.74
N VAL B 97 9.76 13.40 -0.15
CA VAL B 97 9.59 12.75 1.16
C VAL B 97 9.22 13.78 2.22
N ALA B 98 9.79 14.98 2.13
CA ALA B 98 9.54 15.98 3.16
C ALA B 98 8.07 16.34 3.28
N SER B 99 7.32 16.24 2.18
CA SER B 99 5.88 16.42 2.25
C SER B 99 5.25 15.47 3.26
N ASN B 100 5.72 14.22 3.28
CA ASN B 100 5.20 13.25 4.23
C ASN B 100 5.52 13.66 5.67
N ALA B 101 6.74 14.14 5.90
CA ALA B 101 7.10 14.59 7.25
C ALA B 101 6.27 15.81 7.66
N ALA B 102 6.07 16.75 6.74
CA ALA B 102 5.40 18.00 7.10
C ALA B 102 3.91 17.77 7.38
N TYR B 103 3.21 17.12 6.46
CA TYR B 103 1.77 16.94 6.62
C TYR B 103 1.46 15.93 7.74
N SER B 104 2.30 14.90 7.88
CA SER B 104 2.07 13.93 8.94
C SER B 104 2.29 14.56 10.31
N ALA B 105 3.40 15.28 10.48
CA ALA B 105 3.65 15.98 11.73
C ALA B 105 2.56 17.01 12.01
N ALA B 106 2.24 17.83 11.01
CA ALA B 106 1.21 18.85 11.21
C ALA B 106 -0.12 18.22 11.60
N ARG B 107 -0.50 17.14 10.91
CA ARG B 107 -1.71 16.42 11.30
C ARG B 107 -1.56 15.82 12.69
N LEU B 108 -0.33 15.47 13.07
CA LEU B 108 -0.02 14.92 14.38
C LEU B 108 0.06 15.99 15.46
N HIS B 109 0.04 17.28 15.09
CA HIS B 109 0.29 18.37 16.03
C HIS B 109 1.63 18.20 16.72
N GLU B 110 2.62 17.73 15.95
CA GLU B 110 3.98 17.54 16.45
C GLU B 110 4.95 18.30 15.56
N ASN B 111 6.07 18.71 16.15
CA ASN B 111 7.08 19.47 15.43
C ASN B 111 8.02 18.52 14.66
N ALA B 112 8.94 19.13 13.91
CA ALA B 112 9.83 18.34 13.06
C ALA B 112 10.65 17.31 13.84
N ALA B 113 10.83 17.52 15.14
CA ALA B 113 11.55 16.58 15.98
C ALA B 113 10.66 15.50 16.56
N GLY B 114 9.40 15.42 16.12
CA GLY B 114 8.47 14.46 16.66
C GLY B 114 8.64 13.09 16.05
N LYS B 115 7.74 12.18 16.45
CA LYS B 115 7.85 10.79 16.03
C LYS B 115 7.58 10.64 14.54
N ALA B 116 6.48 11.21 14.06
CA ALA B 116 6.09 11.04 12.66
C ALA B 116 7.22 11.42 11.71
N ALA B 117 7.84 12.59 11.94
CA ALA B 117 8.91 13.04 11.06
C ALA B 117 10.06 12.04 11.04
N ALA B 118 10.46 11.53 12.21
CA ALA B 118 11.52 10.53 12.26
C ALA B 118 11.07 9.22 11.63
N TRP B 119 9.78 8.90 11.75
CA TRP B 119 9.26 7.69 11.11
C TRP B 119 9.28 7.81 9.59
N VAL B 120 8.93 8.99 9.06
CA VAL B 120 8.96 9.19 7.61
C VAL B 120 10.38 9.02 7.08
N GLN B 121 11.35 9.68 7.73
CA GLN B 121 12.74 9.55 7.32
C GLN B 121 13.16 8.08 7.36
N ARG B 122 12.79 7.38 8.43
CA ARG B 122 13.20 5.98 8.59
C ARG B 122 12.63 5.09 7.50
N ILE B 123 11.33 5.20 7.24
CA ILE B 123 10.70 4.23 6.35
C ILE B 123 10.97 4.52 4.87
N GLU B 124 11.08 5.79 4.49
CA GLU B 124 11.26 6.14 3.09
C GLU B 124 12.72 6.16 2.66
N PHE B 125 13.61 6.76 3.46
CA PHE B 125 15.01 6.86 3.07
C PHE B 125 15.80 5.61 3.42
N ALA B 126 15.65 5.14 4.66
CA ALA B 126 16.41 3.96 5.10
C ALA B 126 15.81 2.67 4.56
N ARG B 127 14.53 2.42 4.87
CA ARG B 127 13.92 1.14 4.55
C ARG B 127 13.58 1.03 3.07
N LEU B 128 12.77 1.96 2.56
CA LEU B 128 12.32 1.88 1.17
C LEU B 128 13.39 2.33 0.19
N GLY B 129 14.48 2.92 0.68
CA GLY B 129 15.62 3.22 -0.15
C GLY B 129 15.47 4.38 -1.09
N LEU B 130 14.53 5.29 -0.82
CA LEU B 130 14.35 6.43 -1.70
C LEU B 130 15.59 7.32 -1.67
N PRO B 131 16.06 7.79 -2.82
CA PRO B 131 17.28 8.61 -2.84
C PRO B 131 17.10 9.92 -2.08
N LYS B 132 18.12 10.30 -1.33
CA LYS B 132 18.07 11.59 -0.63
C LYS B 132 18.29 12.72 -1.63
N PRO B 133 17.50 13.77 -1.59
CA PRO B 133 17.66 14.86 -2.56
C PRO B 133 18.89 15.70 -2.24
N ASP B 134 19.57 16.16 -3.30
CA ASP B 134 20.68 17.07 -3.12
C ASP B 134 20.18 18.42 -2.58
N TRP B 135 18.99 18.85 -3.01
CA TRP B 135 18.39 20.08 -2.54
C TRP B 135 16.92 19.85 -2.23
N GLN B 136 16.44 20.51 -1.18
CA GLN B 136 15.02 20.63 -0.90
C GLN B 136 14.70 22.11 -0.76
N VAL B 137 13.88 22.63 -1.67
CA VAL B 137 13.56 24.04 -1.72
C VAL B 137 12.16 24.24 -1.14
N LEU B 138 12.09 24.92 0.00
CA LEU B 138 10.80 25.25 0.61
C LEU B 138 10.33 26.58 0.02
N LEU B 139 9.25 26.52 -0.76
CA LEU B 139 8.57 27.72 -1.23
C LEU B 139 7.68 28.22 -0.09
N ALA B 140 8.20 29.16 0.69
CA ALA B 140 7.59 29.55 1.96
C ALA B 140 6.52 30.61 1.72
N VAL B 141 5.30 30.17 1.48
CA VAL B 141 4.13 31.03 1.50
C VAL B 141 3.04 30.29 2.28
N SER B 142 2.10 31.05 2.82
CA SER B 142 1.06 30.47 3.65
C SER B 142 -0.11 29.96 2.81
N ARG B 167 -10.92 22.12 2.52
CA ARG B 167 -9.68 22.86 2.70
C ARG B 167 -9.55 23.38 4.12
N ASP B 168 -8.83 22.64 4.96
CA ASP B 168 -8.70 22.97 6.38
C ASP B 168 -7.59 24.01 6.53
N ALA B 169 -7.97 25.24 6.89
CA ALA B 169 -7.01 26.33 6.94
C ALA B 169 -6.00 26.13 8.08
N GLU B 170 -6.45 25.62 9.22
CA GLU B 170 -5.54 25.44 10.35
C GLU B 170 -4.51 24.36 10.06
N LEU B 171 -4.89 23.31 9.34
CA LEU B 171 -3.94 22.27 8.97
C LEU B 171 -2.82 22.82 8.09
N GLN B 172 -3.18 23.67 7.12
CA GLN B 172 -2.17 24.21 6.20
C GLN B 172 -1.16 25.09 6.94
N GLN B 173 -1.64 25.88 7.91
CA GLN B 173 -0.73 26.74 8.65
C GLN B 173 0.29 25.92 9.42
N ARG B 174 -0.16 24.88 10.13
CA ARG B 174 0.77 24.02 10.87
C ARG B 174 1.74 23.32 9.94
N THR B 175 1.26 22.84 8.79
CA THR B 175 2.16 22.20 7.82
C THR B 175 3.23 23.17 7.35
N GLY B 176 2.87 24.44 7.15
CA GLY B 176 3.86 25.42 6.75
C GLY B 176 4.93 25.63 7.81
N ALA B 177 4.52 25.69 9.08
CA ALA B 177 5.49 25.88 10.15
C ALA B 177 6.40 24.67 10.29
N VAL B 178 5.84 23.46 10.23
CA VAL B 178 6.67 22.26 10.26
C VAL B 178 7.65 22.27 9.09
N TYR B 179 7.18 22.67 7.91
CA TYR B 179 8.06 22.79 6.76
C TYR B 179 9.29 23.63 7.09
N ALA B 180 9.06 24.83 7.64
CA ALA B 180 10.18 25.71 8.00
C ALA B 180 11.06 25.05 9.05
N GLU B 181 10.45 24.34 10.00
CA GLU B 181 11.24 23.63 11.00
C GLU B 181 12.12 22.56 10.36
N LEU B 182 11.54 21.78 9.45
CA LEU B 182 12.33 20.80 8.70
C LEU B 182 13.51 21.47 8.02
N ALA B 183 13.28 22.63 7.39
CA ALA B 183 14.37 23.34 6.73
C ALA B 183 15.43 23.79 7.73
N ALA B 184 14.99 24.27 8.89
CA ALA B 184 15.95 24.72 9.90
C ALA B 184 16.78 23.56 10.43
N GLN B 185 16.22 22.36 10.45
CA GLN B 185 16.91 21.19 10.99
C GLN B 185 17.82 20.51 9.96
N GLY B 186 17.80 20.95 8.71
CA GLY B 186 18.52 20.23 7.68
C GLY B 186 17.96 18.84 7.50
N TRP B 187 16.64 18.68 7.67
CA TRP B 187 15.99 17.38 7.59
C TRP B 187 16.22 16.75 6.23
N GLY B 188 16.97 15.64 6.20
CA GLY B 188 17.17 14.87 4.99
C GLY B 188 18.17 15.46 4.01
N GLY B 189 18.84 16.54 4.36
CA GLY B 189 19.80 17.15 3.48
C GLY B 189 19.68 18.65 3.51
N ARG B 190 20.44 19.30 2.64
CA ARG B 190 20.46 20.75 2.57
C ARG B 190 19.11 21.28 2.09
N TRP B 191 18.72 22.44 2.62
CA TRP B 191 17.49 23.13 2.25
C TRP B 191 17.80 24.53 1.75
N LEU B 192 16.90 25.04 0.91
CA LEU B 192 16.82 26.46 0.59
C LEU B 192 15.37 26.90 0.82
N VAL B 193 15.21 28.01 1.52
CA VAL B 193 13.90 28.61 1.75
C VAL B 193 13.78 29.82 0.85
N VAL B 194 12.80 29.81 -0.05
CA VAL B 194 12.63 30.88 -1.01
C VAL B 194 11.22 31.45 -0.90
N GLY B 195 11.08 32.70 -1.33
CA GLY B 195 9.81 33.37 -1.38
C GLY B 195 9.17 33.36 -2.77
N ALA B 196 8.00 34.00 -2.84
CA ALA B 196 7.21 33.94 -4.07
C ALA B 196 7.96 34.56 -5.24
N ASP B 197 8.53 35.74 -5.04
CA ASP B 197 9.23 36.43 -6.13
C ASP B 197 10.70 36.04 -6.22
N VAL B 198 11.03 34.76 -6.07
CA VAL B 198 12.43 34.35 -6.17
C VAL B 198 12.88 34.47 -7.63
N ASP B 199 14.15 34.82 -7.81
CA ASP B 199 14.76 34.90 -9.14
C ASP B 199 15.15 33.50 -9.61
N PRO B 200 14.45 32.95 -10.61
CA PRO B 200 14.76 31.56 -11.01
C PRO B 200 16.16 31.40 -11.55
N GLY B 201 16.66 32.37 -12.31
CA GLY B 201 18.03 32.29 -12.80
C GLY B 201 19.04 32.30 -11.67
N ARG B 202 18.84 33.17 -10.68
CA ARG B 202 19.72 33.18 -9.53
C ARG B 202 19.56 31.93 -8.68
N LEU B 203 18.33 31.39 -8.62
CA LEU B 203 18.11 30.16 -7.87
C LEU B 203 18.79 28.97 -8.55
N ALA B 204 18.65 28.86 -9.87
CA ALA B 204 19.32 27.81 -10.61
C ALA B 204 20.83 27.93 -10.46
N ALA B 205 21.35 29.15 -10.43
CA ALA B 205 22.79 29.35 -10.25
C ALA B 205 23.23 28.93 -8.84
N THR B 206 22.38 29.17 -7.84
CA THR B 206 22.70 28.75 -6.48
C THR B 206 22.67 27.22 -6.35
N LEU B 207 21.71 26.58 -7.01
CA LEU B 207 21.57 25.14 -6.87
C LEU B 207 22.73 24.39 -7.53
N ALA B 208 23.19 24.86 -8.69
CA ALA B 208 24.25 24.16 -9.41
C ALA B 208 25.58 24.92 -9.33
#